data_4BPK
#
_entry.id   4BPK
#
_cell.length_a   65.175
_cell.length_b   72.133
_cell.length_c   80.579
_cell.angle_alpha   90.00
_cell.angle_beta   90.00
_cell.angle_gamma   90.00
#
_symmetry.space_group_name_H-M   'P 21 21 21'
#
loop_
_entity.id
_entity.type
_entity.pdbx_description
1 polymer 'BCL-2-LIKE PROTEIN 1'
2 polymer 'ALPHA BETA BH3-PEPTIDE'
3 non-polymer 'CADMIUM ION'
4 non-polymer 1,2-ETHANEDIOL
5 water water
#
loop_
_entity_poly.entity_id
_entity_poly.type
_entity_poly.pdbx_seq_one_letter_code
_entity_poly.pdbx_strand_id
1 'polypeptide(L)'
;GPLGMSQSNRELVVDFLSYKLSQKGYSWSQMAAVKQALREAGDEFELRYRRAFSDLTSQLHITPGTAYQSFEQVVNELFR
DGVNWGRIVAFFSFGGALCVESVDKEMQVLVSRIAAWMATYLNDHLEPWIQENGGWDTFVELYGNNAAAESRKGQER
;
A,B
2 'polypeptide(L)' (ACE)(HT7)AR(B3E)IGA(B3Q)(AHP)R(HR7)MAD(B3D)LN(B3A)QY(NH2) C,D
#
loop_
_chem_comp.id
_chem_comp.type
_chem_comp.name
_chem_comp.formula
ACE non-polymer 'ACETYL GROUP' 'C2 H4 O'
CD non-polymer 'CADMIUM ION' 'Cd 2'
EDO non-polymer 1,2-ETHANEDIOL 'C2 H6 O2'
NH2 non-polymer 'AMINO GROUP' 'H2 N'
#
# COMPACT_ATOMS: atom_id res chain seq x y z
N MET A 5 -9.94 -11.57 13.90
CA MET A 5 -8.92 -10.80 14.57
C MET A 5 -7.50 -11.18 14.14
N SER A 6 -7.25 -12.48 14.02
CA SER A 6 -5.92 -12.97 13.69
C SER A 6 -5.54 -12.67 12.24
N GLN A 7 -6.51 -12.82 11.33
CA GLN A 7 -6.29 -12.56 9.93
C GLN A 7 -6.02 -11.07 9.73
N SER A 8 -6.79 -10.24 10.43
CA SER A 8 -6.63 -8.80 10.38
C SER A 8 -5.25 -8.40 10.85
N ASN A 9 -4.81 -8.99 11.96
CA ASN A 9 -3.52 -8.63 12.53
C ASN A 9 -2.40 -9.01 11.59
N ARG A 10 -2.50 -10.22 11.05
CA ARG A 10 -1.56 -10.71 10.07
C ARG A 10 -1.49 -9.75 8.87
N GLU A 11 -2.63 -9.31 8.37
CA GLU A 11 -2.68 -8.40 7.21
C GLU A 11 -2.00 -7.08 7.52
N LEU A 12 -2.18 -6.59 8.75
CA LEU A 12 -1.58 -5.35 9.15
C LEU A 12 -0.05 -5.44 9.21
N VAL A 13 0.45 -6.49 9.82
CA VAL A 13 1.89 -6.76 9.83
C VAL A 13 2.47 -6.81 8.39
N VAL A 14 1.85 -7.62 7.54
CA VAL A 14 2.35 -7.77 6.17
C VAL A 14 2.31 -6.44 5.43
N ASP A 15 1.26 -5.68 5.63
CA ASP A 15 1.16 -4.38 5.00
C ASP A 15 2.31 -3.47 5.40
N PHE A 16 2.59 -3.40 6.70
CA PHE A 16 3.62 -2.50 7.19
C PHE A 16 5.01 -2.94 6.74
N LEU A 17 5.27 -4.23 6.89
CA LEU A 17 6.53 -4.80 6.42
C LEU A 17 6.74 -4.61 4.92
N SER A 18 5.70 -4.81 4.11
CA SER A 18 5.77 -4.53 2.68
C SER A 18 6.26 -3.10 2.43
N TYR A 19 5.66 -2.15 3.14
CA TYR A 19 6.00 -0.74 2.99
C TYR A 19 7.46 -0.44 3.31
N LYS A 20 7.90 -0.87 4.48
N LYS A 20 7.91 -0.91 4.47
CA LYS A 20 9.25 -0.58 4.93
CA LYS A 20 9.28 -0.71 4.94
C LYS A 20 10.30 -1.26 4.06
C LYS A 20 10.33 -1.15 3.94
N LEU A 21 9.99 -2.46 3.59
N LEU A 21 10.22 -2.41 3.53
CA LEU A 21 10.88 -3.13 2.64
CA LEU A 21 11.14 -2.99 2.56
C LEU A 21 11.02 -2.34 1.35
C LEU A 21 11.18 -2.16 1.28
N SER A 22 9.93 -1.72 0.91
N SER A 22 10.01 -1.74 0.83
CA SER A 22 9.96 -0.99 -0.37
CA SER A 22 9.89 -0.94 -0.39
C SER A 22 10.63 0.37 -0.27
C SER A 22 10.64 0.38 -0.27
N GLN A 23 10.67 0.94 0.93
CA GLN A 23 11.32 2.22 1.14
C GLN A 23 12.83 2.12 1.01
N LYS A 24 13.35 0.90 1.16
CA LYS A 24 14.77 0.64 1.05
C LYS A 24 15.09 -0.02 -0.27
N GLY A 25 14.06 -0.24 -1.09
CA GLY A 25 14.27 -0.79 -2.42
C GLY A 25 14.00 -2.29 -2.59
N TYR A 26 13.47 -2.91 -1.53
N TYR A 26 13.49 -2.95 -1.56
CA TYR A 26 13.18 -4.35 -1.54
CA TYR A 26 13.16 -4.37 -1.71
C TYR A 26 11.66 -4.61 -1.69
C TYR A 26 11.66 -4.61 -1.68
N SER A 27 11.25 -5.87 -1.62
CA SER A 27 9.82 -6.22 -1.61
C SER A 27 9.49 -7.49 -0.80
N TRP A 28 8.27 -7.52 -0.27
CA TRP A 28 7.75 -8.63 0.53
C TRP A 28 7.44 -9.83 -0.36
N SER A 29 6.92 -9.55 -1.56
CA SER A 29 6.46 -10.60 -2.45
C SER A 29 6.31 -10.02 -3.84
N GLN A 30 6.09 -10.90 -4.81
CA GLN A 30 5.85 -10.47 -6.19
C GLN A 30 4.60 -9.58 -6.28
N MET A 31 3.47 -10.06 -5.67
CA MET A 31 2.24 -9.23 -5.62
C MET A 31 2.51 -7.87 -4.98
N ALA A 32 3.29 -7.81 -3.91
CA ALA A 32 3.58 -6.51 -3.30
C ALA A 32 4.44 -5.66 -4.23
N ALA A 33 5.31 -6.31 -4.99
CA ALA A 33 6.11 -5.60 -5.98
C ALA A 33 5.23 -4.97 -7.07
N VAL A 34 4.23 -5.72 -7.53
N VAL A 34 4.23 -5.72 -7.53
CA VAL A 34 3.31 -5.25 -8.57
CA VAL A 34 3.31 -5.25 -8.57
C VAL A 34 2.46 -4.08 -8.07
C VAL A 34 2.46 -4.08 -8.08
N LYS A 35 1.95 -4.20 -6.85
CA LYS A 35 1.17 -3.16 -6.24
C LYS A 35 1.97 -1.86 -6.15
N GLN A 36 3.20 -1.96 -5.63
CA GLN A 36 4.02 -0.76 -5.51
C GLN A 36 4.42 -0.13 -6.84
N ALA A 37 4.71 -0.94 -7.85
CA ALA A 37 5.10 -0.43 -9.15
C ALA A 37 3.90 0.27 -9.77
N LEU A 38 2.72 -0.31 -9.56
CA LEU A 38 1.51 0.26 -10.11
C LEU A 38 1.18 1.59 -9.42
N ARG A 39 1.31 1.63 -8.09
CA ARG A 39 1.21 2.89 -7.33
C ARG A 39 2.12 3.99 -7.88
N GLU A 40 3.38 3.65 -8.11
CA GLU A 40 4.32 4.66 -8.56
C GLU A 40 4.09 5.06 -10.02
N ALA A 41 3.70 4.10 -10.85
CA ALA A 41 3.43 4.38 -12.25
C ALA A 41 2.25 5.35 -12.38
N GLY A 42 1.23 5.16 -11.52
CA GLY A 42 0.08 6.03 -11.47
C GLY A 42 0.41 7.44 -11.01
N ASP A 43 1.24 7.55 -9.97
CA ASP A 43 1.74 8.85 -9.58
C ASP A 43 2.45 9.54 -10.74
N GLU A 44 3.36 8.82 -11.39
CA GLU A 44 4.13 9.36 -12.50
C GLU A 44 3.24 9.85 -13.64
N PHE A 45 2.28 9.01 -14.02
CA PHE A 45 1.29 9.33 -15.05
C PHE A 45 0.52 10.61 -14.74
N GLU A 46 0.00 10.70 -13.52
CA GLU A 46 -0.80 11.85 -13.11
C GLU A 46 0.00 13.14 -12.93
N LEU A 47 1.27 13.02 -12.56
CA LEU A 47 2.15 14.18 -12.36
C LEU A 47 2.72 14.72 -13.67
N ARG A 48 3.22 13.83 -14.52
CA ARG A 48 3.81 14.22 -15.79
C ARG A 48 2.76 14.87 -16.69
N TYR A 49 1.49 14.49 -16.49
CA TYR A 49 0.42 15.05 -17.31
C TYR A 49 -0.64 15.72 -16.45
N ARG A 50 -0.19 16.50 -15.48
N ARG A 50 -0.18 16.48 -15.46
CA ARG A 50 -1.07 17.09 -14.48
CA ARG A 50 -1.03 17.15 -14.48
C ARG A 50 -2.17 17.97 -15.08
C ARG A 50 -2.16 17.95 -15.10
N ARG A 51 -1.81 18.84 -16.02
CA ARG A 51 -2.79 19.72 -16.61
C ARG A 51 -3.83 18.94 -17.38
N ALA A 52 -3.39 18.02 -18.24
CA ALA A 52 -4.30 17.16 -18.98
C ALA A 52 -5.20 16.35 -18.04
N PHE A 53 -4.61 15.89 -16.95
CA PHE A 53 -5.31 15.00 -16.04
C PHE A 53 -6.44 15.73 -15.32
N SER A 54 -6.12 16.89 -14.77
CA SER A 54 -7.11 17.77 -14.16
C SER A 54 -8.19 18.19 -15.16
N ASP A 55 -7.77 18.59 -16.37
CA ASP A 55 -8.71 18.99 -17.40
C ASP A 55 -9.73 17.90 -17.72
N LEU A 56 -9.23 16.70 -17.99
CA LEU A 56 -10.08 15.56 -18.33
C LEU A 56 -11.00 15.14 -17.19
N THR A 57 -10.44 15.04 -15.99
CA THR A 57 -11.22 14.49 -14.86
C THR A 57 -12.22 15.49 -14.34
N SER A 58 -11.94 16.78 -14.52
CA SER A 58 -12.86 17.82 -14.10
C SER A 58 -14.15 17.78 -14.93
N GLN A 59 -14.15 17.01 -16.01
CA GLN A 59 -15.31 16.93 -16.90
C GLN A 59 -16.30 15.85 -16.45
N LEU A 60 -15.81 14.90 -15.67
CA LEU A 60 -16.62 13.78 -15.14
C LEU A 60 -17.88 14.23 -14.38
N HIS A 61 -19.02 13.60 -14.68
N HIS A 61 -19.00 13.58 -14.71
CA HIS A 61 -20.29 13.93 -14.02
CA HIS A 61 -20.28 13.84 -14.07
C HIS A 61 -21.09 12.67 -13.70
C HIS A 61 -20.99 12.54 -13.77
N ILE A 62 -20.78 12.03 -12.57
CA ILE A 62 -21.33 10.74 -12.19
C ILE A 62 -22.69 10.82 -11.52
N THR A 63 -23.58 9.92 -11.92
CA THR A 63 -24.76 9.58 -11.14
C THR A 63 -24.79 8.06 -10.96
N PRO A 64 -25.55 7.57 -9.97
CA PRO A 64 -25.70 6.12 -9.80
C PRO A 64 -26.21 5.44 -11.08
N GLY A 65 -27.02 6.14 -11.85
CA GLY A 65 -27.62 5.57 -13.04
C GLY A 65 -26.74 5.60 -14.28
N THR A 66 -25.67 6.39 -14.24
CA THR A 66 -24.80 6.55 -15.40
C THR A 66 -23.35 6.26 -15.09
N ALA A 67 -23.05 5.87 -13.86
CA ALA A 67 -21.68 5.60 -13.48
C ALA A 67 -21.10 4.45 -14.32
N TYR A 68 -21.85 3.37 -14.42
CA TYR A 68 -21.35 2.23 -15.17
C TYR A 68 -21.17 2.58 -16.63
N GLN A 69 -22.16 3.29 -17.18
CA GLN A 69 -22.12 3.70 -18.57
C GLN A 69 -20.88 4.54 -18.85
N SER A 70 -20.58 5.49 -17.97
CA SER A 70 -19.40 6.33 -18.14
C SER A 70 -18.11 5.52 -18.06
N PHE A 71 -18.03 4.59 -17.10
CA PHE A 71 -16.87 3.71 -16.97
C PHE A 71 -16.60 2.94 -18.26
N GLU A 72 -17.64 2.27 -18.76
CA GLU A 72 -17.48 1.36 -19.90
C GLU A 72 -17.08 2.09 -21.17
N GLN A 73 -17.62 3.29 -21.37
N GLN A 73 -17.62 3.29 -21.35
CA GLN A 73 -17.34 4.04 -22.59
CA GLN A 73 -17.36 4.07 -22.56
C GLN A 73 -15.93 4.61 -22.61
C GLN A 73 -15.93 4.58 -22.60
N VAL A 74 -15.41 4.96 -21.44
CA VAL A 74 -14.04 5.45 -21.34
C VAL A 74 -13.05 4.31 -21.55
N VAL A 75 -13.27 3.19 -20.85
CA VAL A 75 -12.31 2.09 -20.90
CA VAL A 75 -12.34 2.07 -20.89
C VAL A 75 -12.28 1.40 -22.27
N ASN A 76 -13.44 1.22 -22.90
CA ASN A 76 -13.48 0.60 -24.22
C ASN A 76 -12.76 1.44 -25.28
N GLU A 77 -12.88 2.76 -25.18
CA GLU A 77 -12.17 3.63 -26.10
C GLU A 77 -10.69 3.70 -25.75
N LEU A 78 -10.38 3.60 -24.46
CA LEU A 78 -8.98 3.66 -24.06
C LEU A 78 -8.22 2.47 -24.67
N PHE A 79 -8.89 1.33 -24.78
CA PHE A 79 -8.26 0.13 -25.33
C PHE A 79 -8.83 -0.25 -26.69
N ARG A 80 -9.27 0.74 -27.45
N ARG A 80 -9.24 0.75 -27.45
CA ARG A 80 -9.92 0.53 -28.74
CA ARG A 80 -9.92 0.52 -28.72
C ARG A 80 -9.07 -0.31 -29.68
C ARG A 80 -9.09 -0.30 -29.72
N ASP A 81 -7.83 0.11 -29.91
CA ASP A 81 -6.95 -0.56 -30.86
C ASP A 81 -5.90 -1.45 -30.18
N GLY A 82 -6.19 -1.92 -28.97
CA GLY A 82 -5.31 -2.88 -28.32
C GLY A 82 -4.89 -2.48 -26.91
N VAL A 83 -3.86 -3.15 -26.42
CA VAL A 83 -3.39 -2.94 -25.05
C VAL A 83 -1.89 -2.68 -25.04
N ASN A 84 -1.46 -1.85 -24.11
CA ASN A 84 -0.06 -1.72 -23.78
C ASN A 84 0.01 -1.29 -22.33
N TRP A 85 1.21 -1.34 -21.75
CA TRP A 85 1.32 -1.10 -20.31
C TRP A 85 0.91 0.34 -19.97
N GLY A 86 1.18 1.26 -20.88
CA GLY A 86 0.82 2.65 -20.68
C GLY A 86 -0.67 2.81 -20.51
N ARG A 87 -1.43 2.12 -21.36
CA ARG A 87 -2.88 2.17 -21.29
C ARG A 87 -3.35 1.52 -20.00
N ILE A 88 -2.65 0.49 -19.57
CA ILE A 88 -3.05 -0.15 -18.31
C ILE A 88 -2.88 0.76 -17.11
N VAL A 89 -1.80 1.53 -17.08
CA VAL A 89 -1.60 2.48 -16.00
C VAL A 89 -2.69 3.57 -16.04
N ALA A 90 -2.96 4.11 -17.23
CA ALA A 90 -4.06 5.06 -17.43
C ALA A 90 -5.41 4.51 -16.98
N PHE A 91 -5.64 3.21 -17.23
CA PHE A 91 -6.85 2.54 -16.75
C PHE A 91 -6.98 2.59 -15.21
N PHE A 92 -5.89 2.30 -14.50
CA PHE A 92 -5.94 2.38 -13.03
C PHE A 92 -6.15 3.83 -12.57
N SER A 93 -5.38 4.75 -13.13
CA SER A 93 -5.54 6.18 -12.82
C SER A 93 -6.97 6.67 -13.06
N PHE A 94 -7.57 6.30 -14.18
CA PHE A 94 -8.97 6.65 -14.44
C PHE A 94 -9.91 6.10 -13.37
N GLY A 95 -9.77 4.82 -13.05
CA GLY A 95 -10.55 4.22 -11.99
C GLY A 95 -10.39 4.98 -10.68
N GLY A 96 -9.14 5.30 -10.33
CA GLY A 96 -8.88 6.11 -9.14
C GLY A 96 -9.61 7.45 -9.15
N ALA A 97 -9.55 8.14 -10.28
CA ALA A 97 -10.19 9.44 -10.40
C ALA A 97 -11.71 9.33 -10.29
N LEU A 98 -12.28 8.28 -10.86
CA LEU A 98 -13.72 8.08 -10.81
C LEU A 98 -14.16 7.82 -9.35
N CYS A 99 -13.35 7.09 -8.57
CA CYS A 99 -13.69 6.83 -7.16
C CYS A 99 -13.62 8.12 -6.35
N VAL A 100 -12.53 8.84 -6.54
CA VAL A 100 -12.40 10.17 -5.91
C VAL A 100 -13.57 11.10 -6.26
N GLU A 101 -13.98 11.14 -7.54
CA GLU A 101 -15.10 11.96 -7.96
C GLU A 101 -16.36 11.50 -7.25
N SER A 102 -16.53 10.19 -7.14
CA SER A 102 -17.67 9.64 -6.44
C SER A 102 -17.73 10.10 -4.98
N VAL A 103 -16.62 9.98 -4.26
CA VAL A 103 -16.59 10.44 -2.86
C VAL A 103 -16.82 11.94 -2.78
N ASP A 104 -16.23 12.67 -3.73
CA ASP A 104 -16.40 14.11 -3.84
C ASP A 104 -17.88 14.47 -3.88
N LYS A 105 -18.66 13.68 -4.63
CA LYS A 105 -20.06 13.98 -4.84
C LYS A 105 -20.96 13.26 -3.82
N GLU A 106 -20.39 13.01 -2.65
CA GLU A 106 -21.04 12.24 -1.58
C GLU A 106 -21.72 10.99 -2.11
N MET A 107 -21.00 10.26 -2.95
CA MET A 107 -21.49 9.00 -3.47
C MET A 107 -20.44 7.93 -3.19
N GLN A 108 -20.01 7.84 -1.94
N GLN A 108 -19.94 7.82 -1.97
CA GLN A 108 -18.99 6.89 -1.48
CA GLN A 108 -18.88 6.85 -1.68
C GLN A 108 -19.36 5.45 -1.79
C GLN A 108 -19.35 5.41 -1.97
N VAL A 109 -20.65 5.19 -1.91
CA VAL A 109 -21.21 3.88 -2.21
C VAL A 109 -20.82 3.37 -3.60
N LEU A 110 -20.56 4.29 -4.52
CA LEU A 110 -20.09 3.89 -5.84
C LEU A 110 -18.68 3.28 -5.88
N VAL A 111 -17.85 3.63 -4.90
CA VAL A 111 -16.45 3.20 -4.92
C VAL A 111 -16.27 1.68 -5.00
N SER A 112 -17.03 0.95 -4.18
CA SER A 112 -16.95 -0.51 -4.22
C SER A 112 -17.45 -1.07 -5.54
N ARG A 113 -18.41 -0.39 -6.17
CA ARG A 113 -18.88 -0.83 -7.47
C ARG A 113 -17.82 -0.61 -8.55
N ILE A 114 -17.18 0.55 -8.52
CA ILE A 114 -16.11 0.86 -9.48
C ILE A 114 -14.96 -0.15 -9.34
N ALA A 115 -14.62 -0.49 -8.10
CA ALA A 115 -13.60 -1.52 -7.86
C ALA A 115 -13.99 -2.84 -8.53
N ALA A 116 -15.26 -3.20 -8.41
CA ALA A 116 -15.77 -4.41 -9.04
C ALA A 116 -15.68 -4.34 -10.56
N TRP A 117 -16.10 -3.21 -11.13
CA TRP A 117 -16.06 -3.02 -12.57
C TRP A 117 -14.62 -3.14 -13.09
N MET A 118 -13.66 -2.57 -12.35
CA MET A 118 -12.25 -2.63 -12.71
C MET A 118 -11.71 -4.05 -12.67
N ALA A 119 -11.98 -4.75 -11.57
CA ALA A 119 -11.53 -6.13 -11.44
C ALA A 119 -12.18 -7.00 -12.52
N THR A 120 -13.45 -6.75 -12.81
CA THR A 120 -14.17 -7.49 -13.86
C THR A 120 -13.56 -7.22 -15.24
N TYR A 121 -13.27 -5.95 -15.52
N TYR A 121 -13.29 -5.96 -15.55
CA TYR A 121 -12.68 -5.58 -16.81
CA TYR A 121 -12.66 -5.62 -16.82
C TYR A 121 -11.23 -6.08 -16.90
C TYR A 121 -11.26 -6.20 -16.88
N LEU A 122 -10.56 -6.14 -15.76
CA LEU A 122 -9.19 -6.65 -15.68
C LEU A 122 -9.19 -8.16 -16.01
N ASN A 123 -10.14 -8.88 -15.42
CA ASN A 123 -10.23 -10.33 -15.59
C ASN A 123 -10.62 -10.78 -16.99
N ASP A 124 -11.50 -10.01 -17.63
N ASP A 124 -11.50 -10.02 -17.64
CA ASP A 124 -12.09 -10.43 -18.89
CA ASP A 124 -12.11 -10.49 -18.88
C ASP A 124 -11.40 -9.85 -20.13
C ASP A 124 -11.58 -9.79 -20.13
N HIS A 125 -10.91 -8.61 -20.01
N HIS A 125 -10.84 -8.70 -19.96
CA HIS A 125 -10.40 -7.91 -21.19
CA HIS A 125 -10.42 -7.91 -21.12
C HIS A 125 -8.89 -7.60 -21.16
C HIS A 125 -8.98 -7.37 -21.07
N LEU A 126 -8.25 -7.66 -19.99
CA LEU A 126 -6.86 -7.23 -19.87
CA LEU A 126 -6.86 -7.22 -19.83
C LEU A 126 -5.93 -8.35 -19.45
N GLU A 127 -6.42 -9.24 -18.59
CA GLU A 127 -5.63 -10.37 -18.15
C GLU A 127 -5.06 -11.23 -19.31
N PRO A 128 -5.90 -11.55 -20.33
CA PRO A 128 -5.33 -12.34 -21.43
C PRO A 128 -4.09 -11.68 -22.02
N TRP A 129 -4.14 -10.37 -22.29
CA TRP A 129 -3.00 -9.67 -22.88
C TRP A 129 -1.80 -9.64 -21.95
N ILE A 130 -2.05 -9.44 -20.66
CA ILE A 130 -0.97 -9.38 -19.70
C ILE A 130 -0.20 -10.72 -19.67
N GLN A 131 -0.95 -11.81 -19.64
CA GLN A 131 -0.33 -13.15 -19.66
C GLN A 131 0.39 -13.43 -20.98
N GLU A 132 -0.08 -12.82 -22.06
CA GLU A 132 0.56 -12.98 -23.38
C GLU A 132 1.93 -12.32 -23.36
N ASN A 133 2.07 -11.32 -22.50
CA ASN A 133 3.26 -10.49 -22.51
C ASN A 133 4.11 -10.76 -21.30
N GLY A 134 3.94 -11.96 -20.74
CA GLY A 134 4.79 -12.45 -19.69
C GLY A 134 4.23 -12.30 -18.29
N GLY A 135 2.98 -11.85 -18.16
CA GLY A 135 2.39 -11.67 -16.84
C GLY A 135 2.78 -10.33 -16.20
N TRP A 136 2.30 -10.07 -14.99
CA TRP A 136 2.62 -8.82 -14.29
C TRP A 136 4.12 -8.67 -13.99
N ASP A 137 4.83 -9.79 -13.91
CA ASP A 137 6.29 -9.77 -13.71
C ASP A 137 6.99 -8.85 -14.71
N THR A 138 6.48 -8.84 -15.94
CA THR A 138 7.04 -8.05 -17.04
C THR A 138 6.98 -6.54 -16.76
N PHE A 139 5.84 -6.09 -16.26
CA PHE A 139 5.61 -4.68 -15.93
C PHE A 139 6.52 -4.17 -14.82
N VAL A 140 6.69 -4.97 -13.76
CA VAL A 140 7.61 -4.63 -12.66
C VAL A 140 9.00 -4.43 -13.23
N GLU A 141 9.42 -5.34 -14.11
CA GLU A 141 10.68 -5.18 -14.82
C GLU A 141 10.66 -3.91 -15.67
N LEU A 142 9.57 -3.71 -16.41
CA LEU A 142 9.48 -2.58 -17.33
C LEU A 142 9.43 -1.23 -16.62
N TYR A 143 8.70 -1.14 -15.51
CA TYR A 143 8.71 0.08 -14.73
C TYR A 143 10.04 0.24 -13.98
N SER B 6 -8.26 -12.51 -10.47
CA SER B 6 -9.63 -12.59 -10.01
C SER B 6 -9.68 -12.13 -8.56
N GLN B 7 -9.35 -13.05 -7.65
CA GLN B 7 -9.05 -12.68 -6.27
C GLN B 7 -7.79 -11.81 -6.31
N SER B 8 -6.83 -12.25 -7.11
N SER B 8 -6.82 -12.25 -7.11
CA SER B 8 -5.58 -11.53 -7.32
CA SER B 8 -5.58 -11.51 -7.30
C SER B 8 -5.82 -10.16 -7.95
C SER B 8 -5.84 -10.15 -7.94
N ASN B 9 -6.65 -10.13 -9.00
CA ASN B 9 -6.96 -8.87 -9.68
C ASN B 9 -7.71 -7.90 -8.78
N ARG B 10 -8.67 -8.40 -8.00
CA ARG B 10 -9.40 -7.51 -7.11
C ARG B 10 -8.44 -6.93 -6.06
N GLU B 11 -7.50 -7.75 -5.59
CA GLU B 11 -6.53 -7.29 -4.61
CA GLU B 11 -6.54 -7.27 -4.61
C GLU B 11 -5.69 -6.12 -5.15
N LEU B 12 -5.30 -6.23 -6.41
CA LEU B 12 -4.51 -5.19 -7.04
C LEU B 12 -5.32 -3.90 -7.19
N VAL B 13 -6.57 -4.05 -7.61
CA VAL B 13 -7.47 -2.90 -7.80
C VAL B 13 -7.68 -2.19 -6.46
N VAL B 14 -8.00 -2.98 -5.43
CA VAL B 14 -8.24 -2.41 -4.11
C VAL B 14 -7.02 -1.71 -3.55
N ASP B 15 -5.85 -2.28 -3.76
CA ASP B 15 -4.64 -1.62 -3.29
C ASP B 15 -4.46 -0.24 -3.95
N PHE B 16 -4.64 -0.20 -5.27
CA PHE B 16 -4.44 1.04 -6.00
C PHE B 16 -5.47 2.09 -5.60
N LEU B 17 -6.73 1.68 -5.53
CA LEU B 17 -7.80 2.61 -5.18
C LEU B 17 -7.63 3.14 -3.74
N SER B 18 -7.21 2.27 -2.82
CA SER B 18 -6.95 2.69 -1.45
C SER B 18 -5.94 3.81 -1.40
N TYR B 19 -4.87 3.66 -2.17
CA TYR B 19 -3.80 4.64 -2.28
C TYR B 19 -4.31 5.97 -2.80
N LYS B 20 -4.96 5.92 -3.97
N LYS B 20 -4.98 5.95 -3.95
CA LYS B 20 -5.53 7.11 -4.59
CA LYS B 20 -5.45 7.20 -4.55
C LYS B 20 -6.47 7.86 -3.67
C LYS B 20 -6.62 7.89 -3.81
N LEU B 21 -7.36 7.12 -3.02
CA LEU B 21 -8.35 7.71 -2.12
C LEU B 21 -7.66 8.35 -0.91
N SER B 22 -6.67 7.66 -0.37
CA SER B 22 -5.93 8.17 0.79
CA SER B 22 -5.93 8.17 0.79
C SER B 22 -5.18 9.45 0.44
N GLN B 23 -4.68 9.53 -0.80
CA GLN B 23 -4.01 10.74 -1.27
C GLN B 23 -4.92 11.97 -1.23
N LYS B 24 -6.22 11.74 -1.36
CA LYS B 24 -7.19 12.83 -1.37
C LYS B 24 -7.86 13.02 -0.01
N GLY B 25 -7.30 12.40 1.02
CA GLY B 25 -7.86 12.47 2.37
C GLY B 25 -9.11 11.63 2.55
N TYR B 26 -9.29 10.61 1.69
CA TYR B 26 -10.45 9.74 1.77
C TYR B 26 -9.97 8.36 2.17
N SER B 27 -10.86 7.38 2.30
CA SER B 27 -10.38 6.05 2.63
C SER B 27 -11.24 4.94 2.02
N TRP B 28 -10.58 3.90 1.52
CA TRP B 28 -11.27 2.71 1.00
C TRP B 28 -12.10 2.00 2.09
N SER B 29 -11.51 1.86 3.26
CA SER B 29 -12.14 1.10 4.34
C SER B 29 -11.45 1.42 5.66
N GLN B 30 -12.02 0.92 6.74
CA GLN B 30 -11.44 1.13 8.05
C GLN B 30 -10.08 0.45 8.14
N MET B 31 -9.97 -0.78 7.64
CA MET B 31 -8.66 -1.47 7.61
C MET B 31 -7.64 -0.68 6.80
N ALA B 32 -8.06 -0.15 5.66
CA ALA B 32 -7.15 0.65 4.86
C ALA B 32 -6.68 1.90 5.60
N ALA B 33 -7.56 2.51 6.40
CA ALA B 33 -7.21 3.70 7.18
C ALA B 33 -6.18 3.35 8.27
N VAL B 34 -6.41 2.22 8.92
CA VAL B 34 -5.44 1.73 9.91
C VAL B 34 -4.07 1.46 9.27
N LYS B 35 -4.06 0.76 8.14
CA LYS B 35 -2.80 0.48 7.46
C LYS B 35 -2.01 1.73 7.16
N GLN B 36 -2.69 2.73 6.59
N GLN B 36 -2.70 2.73 6.62
CA GLN B 36 -2.04 3.97 6.19
CA GLN B 36 -2.04 3.97 6.21
C GLN B 36 -1.58 4.80 7.40
C GLN B 36 -1.59 4.80 7.40
N ALA B 37 -2.38 4.83 8.46
CA ALA B 37 -2.02 5.56 9.68
C ALA B 37 -0.77 4.93 10.30
N LEU B 38 -0.73 3.60 10.34
CA LEU B 38 0.42 2.91 10.90
C LEU B 38 1.66 3.13 10.04
N ARG B 39 1.50 3.11 8.71
CA ARG B 39 2.59 3.48 7.80
C ARG B 39 3.14 4.87 8.11
N GLU B 40 2.24 5.83 8.31
CA GLU B 40 2.65 7.21 8.53
C GLU B 40 3.23 7.43 9.93
N ALA B 41 2.68 6.71 10.92
CA ALA B 41 3.18 6.79 12.27
C ALA B 41 4.61 6.22 12.36
N GLY B 42 4.83 5.11 11.65
CA GLY B 42 6.15 4.51 11.52
C GLY B 42 7.14 5.46 10.90
N ASP B 43 6.71 6.17 9.86
CA ASP B 43 7.55 7.19 9.24
C ASP B 43 7.85 8.30 10.24
N GLU B 44 6.84 8.74 10.98
CA GLU B 44 6.98 9.90 11.86
C GLU B 44 7.90 9.58 13.02
N PHE B 45 7.80 8.35 13.50
CA PHE B 45 8.63 7.85 14.58
C PHE B 45 10.09 7.78 14.14
N GLU B 46 10.31 7.17 12.98
CA GLU B 46 11.67 7.03 12.46
C GLU B 46 12.27 8.41 12.08
N LEU B 47 11.43 9.36 11.69
CA LEU B 47 11.91 10.72 11.38
C LEU B 47 12.29 11.53 12.61
N ARG B 48 11.37 11.58 13.58
CA ARG B 48 11.56 12.34 14.81
C ARG B 48 12.81 11.87 15.57
N TYR B 49 13.07 10.57 15.50
CA TYR B 49 14.22 10.00 16.20
C TYR B 49 15.22 9.42 15.21
N ARG B 50 15.42 10.13 14.11
CA ARG B 50 16.23 9.63 12.99
C ARG B 50 17.61 9.15 13.41
N ARG B 51 18.30 9.95 14.22
CA ARG B 51 19.64 9.62 14.68
C ARG B 51 19.65 8.39 15.59
N ALA B 52 18.91 8.47 16.68
CA ALA B 52 18.80 7.36 17.62
C ALA B 52 18.27 6.10 16.95
N PHE B 53 17.27 6.25 16.08
CA PHE B 53 16.72 5.09 15.39
C PHE B 53 17.78 4.43 14.52
N SER B 54 18.51 5.25 13.76
N SER B 54 18.50 5.25 13.75
CA SER B 54 19.59 4.75 12.91
CA SER B 54 19.59 4.76 12.92
C SER B 54 20.78 4.27 13.75
C SER B 54 20.74 4.23 13.78
N ASP B 55 20.96 4.88 14.92
CA ASP B 55 22.04 4.49 15.83
C ASP B 55 21.90 3.05 16.33
N LEU B 56 20.75 2.74 16.94
CA LEU B 56 20.59 1.42 17.53
C LEU B 56 20.26 0.33 16.52
N THR B 57 19.64 0.70 15.40
CA THR B 57 19.42 -0.25 14.32
C THR B 57 20.74 -0.66 13.69
N SER B 58 21.73 0.22 13.73
CA SER B 58 23.05 -0.13 13.21
C SER B 58 23.82 -1.03 14.19
N GLN B 59 23.26 -1.24 15.39
CA GLN B 59 23.88 -2.15 16.36
C GLN B 59 23.25 -3.54 16.32
N LEU B 60 22.26 -3.73 15.45
CA LEU B 60 21.61 -5.03 15.29
C LEU B 60 22.61 -6.04 14.77
N HIS B 61 22.82 -7.12 15.52
CA HIS B 61 23.70 -8.20 15.09
C HIS B 61 22.86 -9.42 14.75
N ILE B 62 22.60 -9.61 13.45
CA ILE B 62 21.61 -10.57 12.98
C ILE B 62 22.21 -11.77 12.25
N THR B 63 21.85 -12.96 12.70
CA THR B 63 22.22 -14.21 12.04
C THR B 63 20.99 -15.10 12.06
N PRO B 64 20.89 -16.04 11.09
CA PRO B 64 19.70 -16.90 11.00
C PRO B 64 19.41 -17.65 12.30
N GLY B 65 20.46 -18.12 12.97
CA GLY B 65 20.31 -18.89 14.19
C GLY B 65 19.92 -18.09 15.43
N THR B 66 20.18 -16.79 15.42
CA THR B 66 19.94 -15.94 16.59
C THR B 66 18.86 -14.87 16.36
N ALA B 67 18.32 -14.84 15.15
CA ALA B 67 17.35 -13.80 14.76
C ALA B 67 16.14 -13.73 15.70
N TYR B 68 15.57 -14.89 16.02
CA TYR B 68 14.42 -14.90 16.90
C TYR B 68 14.76 -14.39 18.31
N GLN B 69 15.96 -14.72 18.78
CA GLN B 69 16.38 -14.35 20.12
C GLN B 69 16.53 -12.85 20.21
N SER B 70 17.10 -12.26 19.16
CA SER B 70 17.23 -10.82 19.09
C SER B 70 15.84 -10.18 19.06
N PHE B 71 14.94 -10.75 18.27
CA PHE B 71 13.58 -10.22 18.18
C PHE B 71 12.90 -10.20 19.54
N GLU B 72 12.90 -11.37 20.19
CA GLU B 72 12.23 -11.53 21.46
C GLU B 72 12.85 -10.70 22.59
N GLN B 73 14.18 -10.59 22.62
CA GLN B 73 14.83 -9.79 23.65
C GLN B 73 14.43 -8.33 23.52
N VAL B 74 14.44 -7.82 22.29
CA VAL B 74 14.02 -6.45 22.05
C VAL B 74 12.56 -6.25 22.45
N VAL B 75 11.68 -7.08 21.92
CA VAL B 75 10.24 -6.92 22.12
C VAL B 75 9.81 -7.08 23.59
N ASN B 76 10.39 -8.04 24.29
CA ASN B 76 9.99 -8.26 25.68
C ASN B 76 10.40 -7.10 26.58
N GLU B 77 11.52 -6.49 26.23
CA GLU B 77 12.03 -5.31 26.93
C GLU B 77 11.23 -4.05 26.56
N LEU B 78 10.84 -3.93 25.29
CA LEU B 78 10.01 -2.81 24.83
C LEU B 78 8.67 -2.76 25.59
N PHE B 79 8.10 -3.92 25.88
CA PHE B 79 6.82 -3.99 26.59
C PHE B 79 6.95 -4.48 28.05
N ARG B 80 8.13 -4.36 28.62
CA ARG B 80 8.41 -4.95 29.94
C ARG B 80 7.42 -4.50 31.03
N ASP B 81 7.09 -3.21 31.06
CA ASP B 81 6.16 -2.73 32.09
C ASP B 81 4.83 -2.22 31.55
N GLY B 82 4.45 -2.64 30.34
CA GLY B 82 3.17 -2.22 29.80
C GLY B 82 3.12 -1.93 28.32
N VAL B 83 1.92 -1.55 27.88
CA VAL B 83 1.67 -1.21 26.51
C VAL B 83 1.16 0.23 26.40
N ASN B 84 1.59 0.93 25.36
CA ASN B 84 0.94 2.16 24.94
C ASN B 84 1.13 2.27 23.43
N TRP B 85 0.44 3.19 22.76
CA TRP B 85 0.52 3.24 21.31
C TRP B 85 1.93 3.55 20.77
N GLY B 86 2.68 4.37 21.48
CA GLY B 86 4.04 4.69 21.10
C GLY B 86 4.91 3.44 21.04
N ARG B 87 4.78 2.57 22.04
CA ARG B 87 5.49 1.30 22.04
C ARG B 87 5.01 0.38 20.90
N ILE B 88 3.71 0.39 20.63
CA ILE B 88 3.17 -0.38 19.52
C ILE B 88 3.79 0.10 18.19
N VAL B 89 3.85 1.42 17.96
CA VAL B 89 4.53 1.90 16.74
C VAL B 89 6.02 1.49 16.66
N ALA B 90 6.73 1.65 17.77
CA ALA B 90 8.11 1.17 17.87
C ALA B 90 8.27 -0.31 17.48
N PHE B 91 7.32 -1.14 17.92
CA PHE B 91 7.31 -2.58 17.64
C PHE B 91 7.26 -2.84 16.14
N PHE B 92 6.36 -2.15 15.47
CA PHE B 92 6.29 -2.26 14.02
C PHE B 92 7.57 -1.75 13.36
N SER B 93 8.04 -0.56 13.74
CA SER B 93 9.23 0.00 13.13
C SER B 93 10.44 -0.90 13.39
N PHE B 94 10.44 -1.55 14.54
CA PHE B 94 11.51 -2.48 14.85
C PHE B 94 11.46 -3.68 13.91
N GLY B 95 10.27 -4.24 13.72
CA GLY B 95 10.12 -5.40 12.87
C GLY B 95 10.46 -5.03 11.44
N GLY B 96 10.04 -3.84 11.01
CA GLY B 96 10.45 -3.34 9.70
C GLY B 96 11.96 -3.24 9.53
N ALA B 97 12.62 -2.62 10.51
CA ALA B 97 14.07 -2.47 10.46
C ALA B 97 14.76 -3.82 10.50
N LEU B 98 14.21 -4.74 11.28
CA LEU B 98 14.76 -6.09 11.37
C LEU B 98 14.63 -6.83 10.03
N CYS B 99 13.53 -6.61 9.31
CA CYS B 99 13.37 -7.20 7.98
C CYS B 99 14.36 -6.62 6.96
N VAL B 100 14.53 -5.29 6.97
CA VAL B 100 15.46 -4.64 6.05
C VAL B 100 16.89 -5.07 6.35
N GLU B 101 17.27 -4.98 7.62
CA GLU B 101 18.61 -5.38 8.06
C GLU B 101 18.92 -6.82 7.67
N SER B 102 17.88 -7.66 7.64
N SER B 102 17.88 -7.66 7.64
CA SER B 102 18.01 -9.05 7.19
CA SER B 102 18.00 -9.04 7.19
C SER B 102 18.30 -9.12 5.71
C SER B 102 18.33 -9.09 5.71
N VAL B 103 17.56 -8.36 4.91
CA VAL B 103 17.82 -8.31 3.47
C VAL B 103 19.14 -7.59 3.20
N ASP B 104 19.46 -6.60 4.03
CA ASP B 104 20.72 -5.85 3.92
C ASP B 104 21.94 -6.79 4.00
N LYS B 105 21.77 -7.93 4.66
CA LYS B 105 22.85 -8.89 4.82
C LYS B 105 22.51 -10.23 4.18
N GLU B 106 21.71 -10.20 3.12
CA GLU B 106 21.36 -11.39 2.36
C GLU B 106 20.78 -12.54 3.19
N MET B 107 19.81 -12.25 4.04
CA MET B 107 19.13 -13.28 4.82
C MET B 107 17.62 -13.17 4.68
N GLN B 108 17.15 -13.26 3.44
CA GLN B 108 15.74 -13.02 3.09
C GLN B 108 14.74 -14.06 3.63
N VAL B 109 15.20 -15.28 3.90
CA VAL B 109 14.36 -16.32 4.48
C VAL B 109 13.78 -15.91 5.86
N LEU B 110 14.40 -14.92 6.49
N LEU B 110 14.40 -14.92 6.50
CA LEU B 110 13.98 -14.46 7.80
CA LEU B 110 13.98 -14.47 7.81
C LEU B 110 12.74 -13.59 7.77
C LEU B 110 12.74 -13.59 7.77
N VAL B 111 12.53 -12.88 6.66
CA VAL B 111 11.44 -11.90 6.55
C VAL B 111 10.05 -12.46 6.85
N SER B 112 9.73 -13.62 6.29
CA SER B 112 8.41 -14.22 6.55
C SER B 112 8.33 -14.77 7.97
N ARG B 113 9.47 -15.20 8.52
CA ARG B 113 9.48 -15.67 9.89
C ARG B 113 9.18 -14.50 10.82
N ILE B 114 9.89 -13.40 10.61
CA ILE B 114 9.67 -12.18 11.38
C ILE B 114 8.21 -11.76 11.34
N ALA B 115 7.60 -11.71 10.16
CA ALA B 115 6.18 -11.37 10.05
C ALA B 115 5.30 -12.27 10.92
N ALA B 116 5.62 -13.55 10.94
CA ALA B 116 4.86 -14.48 11.75
C ALA B 116 5.08 -14.27 13.24
N TRP B 117 6.34 -14.02 13.66
CA TRP B 117 6.61 -13.77 15.08
C TRP B 117 5.88 -12.50 15.51
N MET B 118 5.85 -11.53 14.62
CA MET B 118 5.14 -10.28 14.92
C MET B 118 3.64 -10.47 15.04
N ALA B 119 3.07 -11.24 14.12
CA ALA B 119 1.64 -11.43 14.10
C ALA B 119 1.19 -12.18 15.34
N THR B 120 1.99 -13.18 15.72
CA THR B 120 1.72 -13.93 16.95
C THR B 120 1.83 -13.06 18.20
N TYR B 121 2.84 -12.20 18.27
CA TYR B 121 2.99 -11.32 19.43
C TYR B 121 1.84 -10.29 19.48
N LEU B 122 1.46 -9.77 18.32
CA LEU B 122 0.31 -8.86 18.23
C LEU B 122 -0.96 -9.55 18.74
N ASN B 123 -1.22 -10.76 18.24
CA ASN B 123 -2.37 -11.54 18.64
C ASN B 123 -2.39 -11.95 20.12
N ASP B 124 -1.27 -12.47 20.61
CA ASP B 124 -1.26 -13.04 21.96
C ASP B 124 -1.03 -11.98 23.05
N HIS B 125 -0.29 -10.93 22.75
CA HIS B 125 0.15 -9.99 23.79
C HIS B 125 -0.24 -8.52 23.63
N LEU B 126 -0.66 -8.11 22.45
CA LEU B 126 -0.97 -6.69 22.22
C LEU B 126 -2.46 -6.46 21.97
N GLU B 127 -3.09 -7.39 21.28
CA GLU B 127 -4.53 -7.36 21.03
C GLU B 127 -5.43 -7.14 22.27
N PRO B 128 -5.16 -7.87 23.38
CA PRO B 128 -5.98 -7.62 24.58
C PRO B 128 -5.94 -6.16 25.03
N TRP B 129 -4.76 -5.54 25.04
CA TRP B 129 -4.65 -4.12 25.37
C TRP B 129 -5.36 -3.22 24.36
N ILE B 130 -5.10 -3.43 23.06
CA ILE B 130 -5.72 -2.61 22.02
C ILE B 130 -7.26 -2.57 22.15
N GLN B 131 -7.86 -3.72 22.46
CA GLN B 131 -9.31 -3.81 22.56
C GLN B 131 -9.86 -3.12 23.81
N GLU B 132 -9.05 -3.04 24.86
CA GLU B 132 -9.46 -2.36 26.08
C GLU B 132 -9.18 -0.85 25.98
N ASN B 133 -8.48 -0.46 24.92
CA ASN B 133 -8.07 0.92 24.74
C ASN B 133 -8.65 1.58 23.49
N GLY B 134 -9.78 1.07 23.04
CA GLY B 134 -10.52 1.72 21.99
C GLY B 134 -10.19 1.23 20.60
N GLY B 135 -9.43 0.14 20.51
CA GLY B 135 -9.16 -0.48 19.22
C GLY B 135 -8.29 0.34 18.27
N TRP B 136 -7.98 -0.25 17.12
CA TRP B 136 -7.16 0.43 16.12
C TRP B 136 -7.83 1.72 15.61
N ASP B 137 -9.16 1.74 15.60
CA ASP B 137 -9.90 2.94 15.21
C ASP B 137 -9.54 4.14 16.08
N THR B 138 -9.31 3.90 17.35
CA THR B 138 -8.86 4.97 18.24
C THR B 138 -7.45 5.42 17.88
N PHE B 139 -6.58 4.48 17.53
CA PHE B 139 -5.24 4.84 17.08
C PHE B 139 -5.31 5.74 15.84
N VAL B 140 -6.18 5.37 14.91
CA VAL B 140 -6.40 6.20 13.73
C VAL B 140 -6.84 7.60 14.16
N GLU B 141 -7.69 7.68 15.18
CA GLU B 141 -8.13 8.96 15.74
C GLU B 141 -6.97 9.76 16.34
N LEU B 142 -6.14 9.10 17.14
CA LEU B 142 -5.02 9.76 17.82
C LEU B 142 -3.94 10.24 16.85
N TYR B 143 -3.65 9.44 15.83
CA TYR B 143 -2.64 9.82 14.86
C TYR B 143 -3.07 11.06 14.07
N HT7 C 2 -17.59 15.46 -23.55
CB HT7 C 2 -16.93 14.32 -22.92
CG HT7 C 2 -16.75 14.60 -21.42
CD HT7 C 2 -18.00 14.75 -20.61
CE2 HT7 C 2 -18.54 13.83 -19.65
CZ3 HT7 C 2 -18.14 12.56 -19.20
CH3 HT7 C 2 -18.91 11.92 -18.25
CT2 HT7 C 2 -20.08 12.50 -17.74
CH2 HT7 C 2 -20.49 13.74 -18.17
CZ2 HT7 C 2 -19.71 14.40 -19.13
NZ1 HT7 C 2 -19.87 15.63 -19.73
CE1 HT7 C 2 -18.84 15.83 -20.61
CA HT7 C 2 -17.68 13.01 -23.20
C HT7 C 2 -16.92 11.83 -22.66
O HT7 C 2 -15.71 11.88 -22.47
N ALA C 3 -17.63 10.73 -22.38
CA ALA C 3 -16.97 9.53 -21.88
C ALA C 3 -16.04 8.97 -22.96
N ARG C 4 -16.55 8.76 -24.17
CA ARG C 4 -15.70 8.26 -25.25
C ARG C 4 -14.62 9.27 -25.55
N B3E C 5 -15.01 10.54 -25.49
CA B3E C 5 -14.12 11.30 -26.36
CG B3E C 5 -14.95 11.88 -27.51
CD B3E C 5 -14.24 11.91 -28.85
CE B3E C 5 -13.31 13.10 -29.05
OF2 B3E C 5 -12.28 13.18 -28.34
OF1 B3E C 5 -13.60 13.93 -29.94
CB B3E C 5 -13.49 12.45 -25.58
C B3E C 5 -12.49 11.95 -24.54
O B3E C 5 -11.31 11.83 -24.86
N ILE C 6 -12.96 11.65 -23.33
CA ILE C 6 -12.06 11.29 -22.24
C ILE C 6 -11.25 10.04 -22.59
N GLY C 7 -11.94 8.97 -23.00
CA GLY C 7 -11.28 7.71 -23.34
C GLY C 7 -10.19 7.85 -24.39
N ALA C 8 -10.51 8.51 -25.51
CA ALA C 8 -9.55 8.73 -26.59
C ALA C 8 -8.50 9.75 -26.18
N B3Q C 9 -8.95 10.70 -25.35
CA B3Q C 9 -7.93 11.74 -25.47
CA B3Q C 9 -7.99 11.78 -25.44
CG B3Q C 9 -8.46 12.98 -26.22
CG B3Q C 9 -8.67 13.01 -26.05
CB B3Q C 9 -7.45 12.14 -24.08
CB B3Q C 9 -7.45 12.14 -24.05
C B3Q C 9 -6.62 11.03 -23.40
O B3Q C 9 -5.40 11.05 -23.51
CD B3Q C 9 -9.01 12.74 -27.62
CD B3Q C 9 -7.76 13.90 -26.89
CE B3Q C 9 -7.97 12.56 -28.72
CE B3Q C 9 -8.55 14.95 -27.64
NF2 B3Q C 9 -8.44 12.26 -29.93
NF2 B3Q C 9 -9.87 14.92 -27.49
OF1 B3Q C 9 -6.77 12.69 -28.50
OF1 B3Q C 9 -7.99 15.78 -28.33
N AHP C 10 -7.27 10.10 -22.70
CA AHP C 10 -6.56 9.03 -21.98
C AHP C 10 -5.61 8.24 -22.88
O AHP C 10 -4.45 8.05 -22.53
CB AHP C 10 -7.52 8.05 -21.29
CG AHP C 10 -8.33 8.61 -20.14
CD AHP C 10 -7.51 8.82 -18.88
CE AHP C 10 -8.42 9.27 -17.72
CZ AHP C 10 -7.64 9.71 -16.50
N ARG C 11 -6.12 7.78 -24.03
CA ARG C 11 -5.33 6.89 -24.88
C ARG C 11 -4.18 7.69 -25.45
N HR7 C 12 -4.51 8.84 -26.01
CB HR7 C 12 -3.47 9.33 -26.89
CG HR7 C 12 -4.03 9.68 -28.28
CD HR7 C 12 -4.91 8.58 -28.82
CE HR7 C 12 -4.52 8.11 -30.22
NZ HR7 C 12 -3.47 7.08 -30.24
CH HR7 C 12 -3.61 5.84 -30.73
NH2 HR7 C 12 -4.76 5.44 -31.25
NH1 HR7 C 12 -2.58 5.00 -30.69
C HR7 C 12 -2.00 10.23 -25.13
O HR7 C 12 -0.89 9.76 -25.41
CA HR7 C 12 -2.93 10.60 -26.26
N MET C 13 -2.44 10.39 -23.88
CA MET C 13 -1.57 10.30 -22.71
C MET C 13 -0.92 8.93 -22.48
N ALA C 14 -1.70 7.88 -22.63
CA ALA C 14 -1.25 6.52 -22.33
C ALA C 14 -0.17 6.06 -23.32
N ASP C 15 -0.37 6.39 -24.60
CA ASP C 15 0.61 6.10 -25.64
C ASP C 15 1.73 7.13 -25.57
OE1 B3D C 16 2.58 11.29 -28.02
CD B3D C 16 2.89 10.39 -27.21
OE2 B3D C 16 3.88 9.65 -27.34
CG B3D C 16 2.02 10.19 -26.00
CA B3D C 16 2.56 9.06 -25.14
N B3D C 16 1.47 8.17 -24.78
CB B3D C 16 3.20 9.68 -23.91
C B3D C 16 3.82 8.64 -23.00
N LEU C 17 3.02 8.03 -22.12
CA LEU C 17 3.59 7.16 -21.11
C LEU C 17 4.27 5.91 -21.68
N ASN C 18 3.62 5.26 -22.64
CA ASN C 18 4.07 3.94 -23.08
C ASN C 18 5.42 4.00 -23.79
CG B3A C 19 6.06 5.51 -26.73
CA B3A C 19 6.64 4.93 -25.45
N B3A C 19 5.77 5.17 -24.30
CB B3A C 19 8.00 5.54 -25.19
C B3A C 19 8.82 4.70 -24.24
O B3A C 19 9.46 3.74 -24.65
N GLN C 20 8.78 5.04 -22.95
CA GLN C 20 9.65 4.42 -21.96
C GLN C 20 9.36 2.94 -21.65
N TYR C 21 8.13 2.50 -21.91
CA TYR C 21 7.78 1.10 -21.72
C TYR C 21 8.10 0.30 -22.98
N NH2 C 22 8.22 0.98 -24.11
C ACE D 1 25.43 -4.88 24.97
O ACE D 1 24.39 -4.93 25.64
CH3 ACE D 1 26.75 -5.37 25.46
N HT7 D 2 25.08 -5.20 23.72
CB HT7 D 2 23.76 -4.92 23.16
CG HT7 D 2 23.93 -4.27 21.79
CD HT7 D 2 24.54 -2.89 21.80
CE2 HT7 D 2 23.90 -1.67 22.18
CZ3 HT7 D 2 22.62 -1.35 22.65
CH3 HT7 D 2 22.33 -0.03 22.93
CT2 HT7 D 2 23.27 0.98 22.79
CH2 HT7 D 2 24.53 0.70 22.34
CZ2 HT7 D 2 24.84 -0.64 22.04
NZ1 HT7 D 2 26.00 -1.20 21.59
CE1 HT7 D 2 25.82 -2.55 21.44
CA HT7 D 2 22.95 -6.21 23.05
C HT7 D 2 21.50 -5.90 22.78
O HT7 D 2 21.08 -4.74 22.82
N ALA D 3 20.71 -6.95 22.53
CA ALA D 3 19.32 -6.80 22.13
C ALA D 3 18.41 -6.28 23.24
N ARG D 4 18.59 -6.78 24.45
CA ARG D 4 17.87 -6.30 25.61
CA ARG D 4 17.84 -6.30 25.60
C ARG D 4 18.10 -4.81 25.75
N B3E D 5 19.36 -4.43 25.57
CA B3E D 5 19.54 -3.19 26.31
CG B3E D 5 20.47 -3.41 27.49
CD B3E D 5 20.40 -2.30 28.50
CE B3E D 5 19.16 -2.47 29.35
OF2 B3E D 5 18.74 -3.63 29.54
OF1 B3E D 5 18.61 -1.44 29.81
CB B3E D 5 20.16 -2.08 25.45
C B3E D 5 19.23 -1.57 24.35
O B3E D 5 18.58 -0.56 24.53
N ILE D 6 19.19 -2.27 23.22
CA ILE D 6 18.36 -1.84 22.09
C ILE D 6 16.89 -1.73 22.46
N GLY D 7 16.34 -2.77 23.07
CA GLY D 7 14.96 -2.79 23.48
C GLY D 7 14.60 -1.73 24.51
N ALA D 8 15.49 -1.53 25.48
CA ALA D 8 15.31 -0.53 26.54
C ALA D 8 15.58 0.84 25.96
N B3Q D 9 16.55 0.90 25.06
CA B3Q D 9 16.91 2.31 24.84
CG B3Q D 9 18.37 2.57 25.23
CB B3Q D 9 16.74 2.68 23.38
C B3Q D 9 15.29 2.76 22.92
O B3Q D 9 14.69 3.83 22.98
CD B3Q D 9 18.65 2.48 26.72
CE B3Q D 9 17.99 3.60 27.50
NF2 B3Q D 9 17.83 4.77 26.87
OF1 B3Q D 9 17.62 3.44 28.66
N AHP D 10 14.74 1.64 22.43
CA AHP D 10 13.40 1.62 21.84
C AHP D 10 12.30 2.06 22.80
O AHP D 10 11.44 2.86 22.43
CB AHP D 10 13.06 0.23 21.29
CG AHP D 10 13.67 -0.09 19.94
CD AHP D 10 12.93 0.64 18.82
CE AHP D 10 13.75 0.69 17.55
CZ AHP D 10 14.17 -0.68 17.08
N ARG D 11 12.30 1.52 24.01
CA ARG D 11 11.24 1.84 24.98
C ARG D 11 11.32 3.31 25.39
N HR7 D 12 12.55 3.75 25.68
CB HR7 D 12 12.54 4.96 26.51
CG HR7 D 12 13.42 4.69 27.73
CD HR7 D 12 12.61 4.00 28.80
CE HR7 D 12 12.13 5.03 29.81
NZ HR7 D 12 10.69 5.26 29.72
CH HR7 D 12 10.03 6.18 30.43
NH2 HR7 D 12 10.69 6.97 31.27
NH1 HR7 D 12 8.72 6.31 30.28
C HR7 D 12 12.30 6.63 24.58
O HR7 D 12 11.35 7.37 24.79
CA HR7 D 12 13.16 6.14 25.76
N MET D 13 12.65 6.20 23.38
CA MET D 13 12.01 6.67 22.14
C MET D 13 10.49 6.48 22.10
N ALA D 14 10.02 5.29 22.46
CA ALA D 14 8.60 4.97 22.35
C ALA D 14 7.77 5.76 23.36
N ASP D 15 8.23 5.83 24.59
CA ASP D 15 7.54 6.56 25.64
C ASP D 15 7.63 8.08 25.43
OE1 B3D D 16 10.87 12.34 26.66
CD B3D D 16 9.79 11.86 26.26
OE2 B3D D 16 8.76 12.55 26.12
CG B3D D 16 9.75 10.36 25.94
CA B3D D 16 8.62 9.92 24.99
N B3D D 16 8.68 8.49 24.74
CB B3D D 16 8.77 10.63 23.65
C B3D D 16 7.56 10.46 22.76
N LEU D 17 7.55 9.43 21.90
CA LEU D 17 6.50 9.29 20.87
C LEU D 17 5.11 9.19 21.49
N ASN D 18 5.01 8.43 22.57
CA ASN D 18 3.73 8.27 23.24
C ASN D 18 3.20 9.62 23.72
CG B3A D 19 4.95 11.89 25.90
CA B3A D 19 3.79 11.63 24.94
N B3A D 19 4.12 10.52 24.05
CB B3A D 19 3.52 12.89 24.13
C B3A D 19 2.27 12.76 23.29
O B3A D 19 1.16 12.70 23.82
N GLN D 20 2.43 12.71 21.97
CA GLN D 20 1.30 12.88 21.06
C GLN D 20 0.18 11.83 21.14
N TYR D 21 0.45 10.68 21.76
CA TYR D 21 -0.59 9.66 21.94
C TYR D 21 -1.16 9.67 23.37
N NH2 D 22 -0.65 10.56 24.22
CD CD E . -11.59 7.77 -31.30
CD CD E . -12.73 6.10 -31.24
CD CD F . 9.66 2.69 -4.30
CD CD G . -20.81 19.10 -12.54
CD CD H . -15.71 16.85 -9.93
CD CD I . -17.29 -8.35 -20.93
CD CD I . -17.17 -6.65 -21.37
CD CD J . -7.07 -14.99 -13.52
C1 EDO K . 1.88 -1.31 -1.53
O1 EDO K . 0.56 -1.42 -0.93
C2 EDO K . 2.82 -2.23 -0.75
O2 EDO K . 4.15 -1.66 -0.75
CD CD L . -13.00 1.25 18.92
CD CD M . -1.07 -17.69 19.41
CD CD N . 3.26 -15.79 24.26
CD CD O . -1.70 10.34 3.96
CD CD P . 16.52 -2.98 30.89
CD CD P . 15.16 -3.83 31.90
CD CD Q . 22.24 -1.72 7.25
CD CD R . 26.67 -9.57 12.39
CD CD S . 30.13 -9.73 14.48
CD CD T . 25.67 -14.09 -2.09
CD CD T . 26.39 -14.45 -0.87
C1 EDO U . 2.08 3.39 29.39
O1 EDO U . 2.89 2.34 29.94
C2 EDO U . 0.92 3.70 30.33
O2 EDO U . 0.07 4.67 29.72
#